data_6DM3
#
_entry.id   6DM3
#
_cell.length_a   50.037
_cell.length_b   72.981
_cell.length_c   71.961
_cell.angle_alpha   90.00
_cell.angle_beta   109.89
_cell.angle_gamma   90.00
#
_symmetry.space_group_name_H-M   'C 1 2 1'
#
loop_
_entity.id
_entity.type
_entity.pdbx_description
1 polymer RavO
2 water water
#
_entity_poly.entity_id   1
_entity_poly.type   'polypeptide(L)'
_entity_poly.pdbx_seq_one_letter_code
;ESEKIYKVMEEIFVDRHYKENIRTGEEVKQYFSKSKAEFILRWSSANESDTENKYVFIAASFQASDGIHSIRYGINKNGE
LFSINTASNKVTPIDILPLGVMATLTQHITQNKELIEKAL
;
_entity_poly.pdbx_strand_id   A,B
#
# COMPACT_ATOMS: atom_id res chain seq x y z
N GLU A 1 15.25 -4.55 -6.81
CA GLU A 1 14.93 -4.80 -5.39
C GLU A 1 14.90 -3.54 -4.53
N SER A 2 15.99 -2.78 -4.55
CA SER A 2 16.08 -1.57 -3.73
C SER A 2 15.74 -1.93 -2.29
N GLU A 3 14.94 -1.08 -1.65
CA GLU A 3 14.54 -1.34 -0.29
C GLU A 3 13.29 -2.17 -0.44
N LYS A 4 13.45 -3.48 -0.27
CA LYS A 4 12.34 -4.42 -0.43
C LYS A 4 11.14 -4.18 0.49
N ILE A 5 11.38 -3.55 1.63
CA ILE A 5 10.29 -3.29 2.60
C ILE A 5 9.10 -2.59 1.92
N TYR A 6 9.40 -1.67 1.01
CA TYR A 6 8.35 -0.93 0.32
C TYR A 6 7.58 -1.82 -0.64
N LYS A 7 8.30 -2.66 -1.37
CA LYS A 7 7.69 -3.57 -2.33
C LYS A 7 6.85 -4.64 -1.63
N VAL A 8 7.32 -5.09 -0.47
CA VAL A 8 6.60 -6.12 0.28
C VAL A 8 5.26 -5.56 0.80
N MET A 9 5.24 -4.30 1.24
CA MET A 9 4.02 -3.71 1.78
C MET A 9 3.00 -3.40 0.68
N GLU A 10 3.49 -3.13 -0.53
CA GLU A 10 2.62 -2.97 -1.69
C GLU A 10 1.79 -4.23 -1.92
N GLU A 11 2.43 -5.40 -1.91
CA GLU A 11 1.74 -6.68 -2.09
C GLU A 11 0.63 -6.88 -1.07
N ILE A 12 0.88 -6.43 0.16
CA ILE A 12 -0.08 -6.57 1.26
C ILE A 12 -1.23 -5.57 1.16
N PHE A 13 -0.88 -4.29 1.06
CA PHE A 13 -1.87 -3.21 1.11
C PHE A 13 -2.83 -3.17 -0.08
N VAL A 14 -2.39 -3.66 -1.24
CA VAL A 14 -3.26 -3.65 -2.42
C VAL A 14 -4.22 -4.83 -2.40
N ASP A 15 -3.92 -5.83 -1.57
CA ASP A 15 -4.70 -7.06 -1.56
C ASP A 15 -6.09 -6.84 -1.00
N ARG A 16 -7.06 -7.56 -1.56
CA ARG A 16 -8.44 -7.44 -1.12
C ARG A 16 -8.62 -7.80 0.36
N HIS A 17 -7.75 -8.66 0.89
CA HIS A 17 -7.84 -9.08 2.31
C HIS A 17 -7.45 -7.97 3.27
N TYR A 18 -6.67 -6.99 2.79
CA TYR A 18 -6.25 -5.88 3.64
C TYR A 18 -7.43 -4.94 3.86
N LYS A 19 -7.68 -4.63 5.13
CA LYS A 19 -8.83 -3.80 5.50
C LYS A 19 -8.35 -2.52 6.19
N GLU A 20 -8.21 -1.45 5.42
CA GLU A 20 -7.65 -0.20 5.94
C GLU A 20 -8.63 0.53 6.85
N ASN A 21 -9.88 0.09 6.87
CA ASN A 21 -10.88 0.75 7.70
C ASN A 21 -11.29 -0.07 8.92
N ILE A 22 -10.49 -1.08 9.25
CA ILE A 22 -10.70 -1.88 10.46
C ILE A 22 -9.53 -1.64 11.41
N ARG A 23 -9.74 -0.77 12.40
CA ARG A 23 -8.67 -0.33 13.25
C ARG A 23 -8.82 -0.71 14.74
N THR A 24 -9.94 -1.33 15.10
CA THR A 24 -10.14 -1.69 16.50
C THR A 24 -10.64 -3.11 16.71
N GLY A 25 -10.67 -3.53 17.97
CA GLY A 25 -11.06 -4.88 18.35
C GLY A 25 -12.44 -5.30 17.88
N GLU A 26 -13.45 -4.48 18.14
CA GLU A 26 -14.82 -4.88 17.81
C GLU A 26 -15.20 -4.56 16.37
N GLU A 27 -14.43 -3.71 15.69
CA GLU A 27 -14.61 -3.57 14.25
C GLU A 27 -14.16 -4.87 13.56
N VAL A 28 -13.22 -5.58 14.18
CA VAL A 28 -12.86 -6.93 13.73
C VAL A 28 -14.00 -7.89 14.08
N LYS A 29 -14.61 -7.71 15.25
CA LYS A 29 -15.76 -8.53 15.65
C LYS A 29 -16.96 -8.29 14.73
N GLN A 30 -17.31 -7.02 14.51
CA GLN A 30 -18.42 -6.66 13.65
C GLN A 30 -18.25 -7.28 12.27
N TYR A 31 -17.01 -7.30 11.79
CA TYR A 31 -16.71 -7.81 10.47
C TYR A 31 -17.00 -9.31 10.34
N PHE A 32 -16.52 -10.11 11.29
CA PHE A 32 -16.71 -11.56 11.23
C PHE A 32 -18.03 -11.95 11.88
N ALA A 37 -15.15 -16.63 5.01
CA ALA A 37 -14.02 -15.72 5.02
C ALA A 37 -12.77 -16.40 5.57
N GLU A 38 -11.71 -16.41 4.75
CA GLU A 38 -10.45 -17.04 5.16
C GLU A 38 -9.74 -16.21 6.22
N PHE A 39 -9.74 -14.89 6.04
CA PHE A 39 -9.09 -13.98 6.99
C PHE A 39 -9.15 -12.55 6.52
N ILE A 40 -8.70 -11.64 7.38
CA ILE A 40 -8.40 -10.26 7.00
C ILE A 40 -7.00 -9.88 7.47
N LEU A 41 -6.44 -8.85 6.82
CA LEU A 41 -5.19 -8.22 7.26
C LEU A 41 -5.46 -6.77 7.59
N ARG A 42 -4.75 -6.24 8.56
CA ARG A 42 -4.95 -4.88 9.00
C ARG A 42 -3.73 -4.30 9.67
N TRP A 43 -3.66 -2.96 9.72
CA TRP A 43 -2.57 -2.23 10.32
C TRP A 43 -2.57 -2.45 11.84
N SER A 44 -1.47 -2.95 12.36
CA SER A 44 -1.39 -3.26 13.78
C SER A 44 -1.24 -2.01 14.64
N SER A 45 -1.92 -2.02 15.78
CA SER A 45 -1.81 -0.93 16.77
C SER A 45 -0.38 -0.79 17.29
N ALA A 46 0.45 -1.81 17.08
CA ALA A 46 1.83 -1.85 17.56
C ALA A 46 2.74 -0.87 16.82
N ASN A 47 2.33 -0.47 15.62
CA ASN A 47 3.09 0.47 14.81
C ASN A 47 3.22 1.85 15.46
N GLU A 48 2.17 2.27 16.16
CA GLU A 48 2.17 3.57 16.83
C GLU A 48 2.80 3.48 18.23
N SER A 49 2.84 2.27 18.77
CA SER A 49 3.43 2.07 20.09
C SER A 49 4.67 1.20 20.04
N LYS A 54 11.95 -0.48 13.68
CA LYS A 54 12.32 -1.89 13.67
C LYS A 54 11.55 -2.64 12.58
N TYR A 55 10.27 -2.80 12.84
CA TYR A 55 9.35 -3.53 11.98
C TYR A 55 8.19 -2.65 11.53
N VAL A 56 7.56 -3.04 10.43
CA VAL A 56 6.20 -2.63 10.16
C VAL A 56 5.29 -3.80 10.53
N PHE A 57 4.33 -3.54 11.42
CA PHE A 57 3.53 -4.61 11.98
C PHE A 57 2.18 -4.75 11.27
N ILE A 58 1.90 -5.96 10.79
CA ILE A 58 0.61 -6.28 10.20
C ILE A 58 -0.10 -7.34 11.04
N ALA A 59 -1.38 -7.13 11.30
CA ALA A 59 -2.19 -8.11 12.03
C ALA A 59 -3.08 -8.90 11.07
N ALA A 60 -3.13 -10.21 11.28
CA ALA A 60 -4.04 -11.09 10.54
C ALA A 60 -5.12 -11.64 11.47
N SER A 61 -6.37 -11.68 11.01
CA SER A 61 -7.48 -12.18 11.84
C SER A 61 -8.41 -13.11 11.07
N PHE A 62 -8.97 -14.08 11.77
CA PHE A 62 -9.91 -15.03 11.16
C PHE A 62 -10.86 -15.59 12.21
N GLN A 63 -12.05 -15.99 11.77
CA GLN A 63 -13.04 -16.68 12.60
C GLN A 63 -13.04 -18.19 12.35
N ALA A 64 -12.80 -18.95 13.41
CA ALA A 64 -12.95 -20.41 13.38
C ALA A 64 -14.06 -20.80 14.35
N SER A 65 -14.33 -22.10 14.49
CA SER A 65 -15.34 -22.59 15.43
C SER A 65 -15.08 -22.13 16.85
N ASP A 66 -13.80 -22.00 17.20
CA ASP A 66 -13.37 -21.54 18.51
C ASP A 66 -13.58 -20.04 18.72
N GLY A 67 -13.66 -19.28 17.63
CA GLY A 67 -13.84 -17.85 17.72
C GLY A 67 -12.86 -17.09 16.85
N ILE A 68 -12.62 -15.82 17.18
CA ILE A 68 -11.71 -15.00 16.40
C ILE A 68 -10.28 -15.10 16.89
N HIS A 69 -9.39 -15.49 15.99
CA HIS A 69 -7.97 -15.54 16.27
C HIS A 69 -7.23 -14.41 15.57
N SER A 70 -6.06 -14.08 16.10
CA SER A 70 -5.18 -13.15 15.41
C SER A 70 -3.72 -13.61 15.40
N ILE A 71 -3.00 -13.23 14.35
CA ILE A 71 -1.57 -13.46 14.25
C ILE A 71 -0.88 -12.14 13.91
N ARG A 72 0.17 -11.81 14.66
CA ARG A 72 0.95 -10.61 14.37
C ARG A 72 2.14 -10.97 13.49
N TYR A 73 2.31 -10.19 12.42
CA TYR A 73 3.43 -10.34 11.53
C TYR A 73 4.30 -9.09 11.56
N GLY A 74 5.60 -9.27 11.33
CA GLY A 74 6.54 -8.18 11.21
C GLY A 74 7.32 -8.25 9.91
N ILE A 75 7.60 -7.09 9.31
CA ILE A 75 8.46 -6.97 8.14
C ILE A 75 9.57 -5.95 8.47
N ASN A 76 10.84 -6.34 8.29
CA ASN A 76 11.93 -5.46 8.70
C ASN A 76 12.48 -4.64 7.54
N LYS A 77 13.52 -3.87 7.83
CA LYS A 77 14.09 -2.86 6.93
C LYS A 77 14.26 -3.32 5.47
N ASN A 78 14.70 -4.55 5.24
CA ASN A 78 14.76 -5.09 3.88
C ASN A 78 13.88 -6.34 3.68
N GLY A 79 12.62 -6.22 4.14
CA GLY A 79 11.51 -7.04 3.69
C GLY A 79 11.39 -8.51 4.04
N GLU A 80 12.05 -8.90 5.10
CA GLU A 80 11.94 -10.27 5.58
C GLU A 80 10.72 -10.38 6.47
N LEU A 81 9.95 -11.44 6.27
CA LEU A 81 8.68 -11.62 6.96
C LEU A 81 8.88 -12.41 8.24
N PHE A 82 8.23 -11.97 9.31
CA PHE A 82 8.37 -12.63 10.60
C PHE A 82 7.02 -12.85 11.26
N SER A 83 6.93 -13.98 11.96
CA SER A 83 5.76 -14.33 12.77
C SER A 83 6.13 -13.82 14.16
N ILE A 84 5.17 -13.30 14.91
CA ILE A 84 5.51 -12.73 16.22
C ILE A 84 4.58 -13.22 17.33
N ASN A 85 5.19 -13.84 18.34
CA ASN A 85 4.50 -14.27 19.54
C ASN A 85 4.31 -13.06 20.44
N THR A 86 3.05 -12.70 20.68
CA THR A 86 2.72 -11.48 21.41
C THR A 86 2.99 -11.64 22.92
N ALA A 87 3.33 -12.84 23.37
CA ALA A 87 3.59 -13.04 24.79
C ALA A 87 5.00 -12.57 25.17
N SER A 88 5.95 -12.75 24.27
CA SER A 88 7.36 -12.48 24.57
C SER A 88 8.07 -11.69 23.48
N ASN A 89 7.35 -11.41 22.39
CA ASN A 89 7.92 -10.82 21.18
C ASN A 89 9.02 -11.71 20.58
N LYS A 90 8.89 -13.03 20.77
CA LYS A 90 9.80 -13.99 20.15
C LYS A 90 9.50 -14.08 18.64
N VAL A 91 10.52 -13.89 17.82
CA VAL A 91 10.34 -13.80 16.36
C VAL A 91 10.56 -15.17 15.68
N THR A 92 9.70 -15.49 14.71
CA THR A 92 9.87 -16.69 13.89
C THR A 92 9.85 -16.29 12.42
N PRO A 93 11.01 -16.26 11.76
CA PRO A 93 11.03 -15.83 10.35
C PRO A 93 10.27 -16.77 9.41
N ILE A 94 9.68 -16.20 8.37
CA ILE A 94 8.92 -16.95 7.38
C ILE A 94 9.50 -16.78 5.97
N ASP A 95 9.71 -17.89 5.27
CA ASP A 95 10.12 -17.87 3.86
C ASP A 95 9.02 -17.30 2.98
N ILE A 96 9.39 -16.48 1.99
CA ILE A 96 8.41 -16.07 1.00
C ILE A 96 8.25 -17.20 -0.01
N LEU A 97 7.04 -17.70 -0.13
CA LEU A 97 6.73 -18.77 -1.09
C LEU A 97 6.91 -18.23 -2.51
N PRO A 98 7.12 -19.14 -3.49
CA PRO A 98 7.41 -18.74 -4.87
C PRO A 98 6.44 -17.71 -5.47
N LEU A 99 5.19 -17.72 -5.03
CA LEU A 99 4.13 -16.95 -5.68
C LEU A 99 3.94 -15.55 -5.06
N GLY A 100 4.72 -15.26 -4.02
CA GLY A 100 4.69 -13.94 -3.43
C GLY A 100 4.28 -13.88 -1.97
N VAL A 101 4.41 -12.68 -1.40
CA VAL A 101 4.11 -12.42 0.00
C VAL A 101 2.69 -12.84 0.38
N MET A 102 1.72 -12.46 -0.46
CA MET A 102 0.33 -12.75 -0.12
C MET A 102 0.05 -14.25 -0.15
N ALA A 103 0.67 -14.96 -1.09
CA ALA A 103 0.59 -16.41 -1.12
C ALA A 103 1.19 -17.04 0.14
N THR A 104 2.19 -16.37 0.70
CA THR A 104 2.91 -16.85 1.89
C THR A 104 2.08 -16.65 3.13
N LEU A 105 1.53 -15.45 3.28
CA LEU A 105 0.62 -15.15 4.37
C LEU A 105 -0.65 -16.01 4.29
N THR A 106 -1.20 -16.17 3.09
CA THR A 106 -2.42 -16.95 2.87
C THR A 106 -2.26 -18.40 3.33
N GLN A 107 -1.11 -19.00 3.03
CA GLN A 107 -0.84 -20.37 3.46
C GLN A 107 -0.59 -20.45 4.97
N HIS A 108 0.12 -19.46 5.50
CA HIS A 108 0.48 -19.45 6.92
C HIS A 108 -0.75 -19.33 7.81
N ILE A 109 -1.78 -18.70 7.27
CA ILE A 109 -3.00 -18.40 8.03
C ILE A 109 -4.06 -19.50 7.92
N THR A 110 -4.36 -19.90 6.69
CA THR A 110 -5.43 -20.87 6.47
C THR A 110 -5.08 -22.26 6.98
N GLN A 111 -3.79 -22.52 7.16
CA GLN A 111 -3.37 -23.82 7.69
C GLN A 111 -3.37 -23.84 9.21
N ASN A 112 -2.90 -22.75 9.82
CA ASN A 112 -3.06 -22.55 11.26
C ASN A 112 -4.54 -22.63 11.60
N LYS A 113 -5.35 -22.13 10.67
CA LYS A 113 -6.80 -22.13 10.78
C LYS A 113 -7.39 -23.54 10.79
N GLU A 114 -6.79 -24.48 10.07
CA GLU A 114 -7.23 -25.87 10.17
C GLU A 114 -6.47 -26.58 11.29
N LEU A 115 -5.22 -26.17 11.53
CA LEU A 115 -4.46 -26.69 12.66
C LEU A 115 -5.23 -26.46 13.95
N ILE A 116 -5.93 -25.32 14.03
CA ILE A 116 -6.91 -25.08 15.07
C ILE A 116 -8.07 -26.07 14.93
N GLU B 3 6.97 4.43 11.20
CA GLU B 3 7.06 5.86 10.90
C GLU B 3 5.86 6.32 10.07
N LYS B 4 5.89 7.59 9.66
CA LYS B 4 4.78 8.17 8.90
C LYS B 4 4.75 7.82 7.41
N ILE B 5 5.91 7.46 6.85
CA ILE B 5 5.97 7.12 5.43
C ILE B 5 5.25 5.80 5.14
N TYR B 6 5.31 4.86 6.08
CA TYR B 6 4.67 3.56 5.88
C TYR B 6 3.14 3.73 5.86
N LYS B 7 2.64 4.72 6.61
CA LYS B 7 1.22 5.02 6.63
C LYS B 7 0.76 5.83 5.41
N VAL B 8 1.64 6.68 4.89
CA VAL B 8 1.36 7.42 3.65
C VAL B 8 1.27 6.43 2.48
N MET B 9 2.21 5.49 2.43
CA MET B 9 2.22 4.44 1.41
C MET B 9 0.94 3.63 1.48
N GLU B 10 0.51 3.34 2.71
CA GLU B 10 -0.71 2.60 2.93
C GLU B 10 -1.90 3.35 2.34
N GLU B 11 -1.99 4.65 2.58
CA GLU B 11 -3.08 5.45 2.00
C GLU B 11 -3.03 5.42 0.48
N ILE B 12 -1.83 5.40 -0.07
CA ILE B 12 -1.64 5.36 -1.52
C ILE B 12 -1.92 3.97 -2.11
N PHE B 13 -1.34 2.93 -1.53
CA PHE B 13 -1.42 1.58 -2.12
C PHE B 13 -2.83 0.94 -2.02
N VAL B 14 -3.63 1.37 -1.05
CA VAL B 14 -4.98 0.85 -0.90
C VAL B 14 -5.96 1.54 -1.83
N ASP B 15 -5.53 2.61 -2.48
CA ASP B 15 -6.46 3.41 -3.27
C ASP B 15 -6.80 2.77 -4.60
N ARG B 16 -8.03 3.02 -5.04
CA ARG B 16 -8.55 2.55 -6.31
C ARG B 16 -7.68 2.94 -7.51
N HIS B 17 -6.98 4.07 -7.43
CA HIS B 17 -6.21 4.57 -8.58
C HIS B 17 -4.82 3.96 -8.66
N TYR B 18 -4.37 3.31 -7.59
CA TYR B 18 -3.04 2.70 -7.61
C TYR B 18 -3.06 1.40 -8.43
N LYS B 19 -2.16 1.33 -9.41
CA LYS B 19 -2.07 0.16 -10.28
C LYS B 19 -0.75 -0.60 -10.11
N GLU B 20 -0.78 -1.67 -9.31
CA GLU B 20 0.43 -2.41 -8.98
C GLU B 20 0.99 -3.19 -10.17
N ASN B 21 0.16 -3.45 -11.18
CA ASN B 21 0.58 -4.25 -12.31
C ASN B 21 1.00 -3.41 -13.52
N ILE B 22 1.14 -2.10 -13.31
CA ILE B 22 1.61 -1.22 -14.38
C ILE B 22 3.00 -0.69 -14.00
N ARG B 23 4.03 -1.28 -14.61
CA ARG B 23 5.42 -1.01 -14.23
C ARG B 23 6.17 -0.17 -15.27
N THR B 24 5.75 -0.27 -16.54
CA THR B 24 6.51 0.33 -17.64
C THR B 24 5.70 1.38 -18.41
N GLY B 25 6.41 2.19 -19.19
CA GLY B 25 5.78 3.18 -20.05
C GLY B 25 4.86 2.57 -21.08
N GLU B 26 5.19 1.35 -21.52
CA GLU B 26 4.39 0.63 -22.51
C GLU B 26 3.07 0.18 -21.91
N GLU B 27 3.12 -0.40 -20.71
CA GLU B 27 1.91 -0.84 -20.03
C GLU B 27 1.00 0.35 -19.66
N VAL B 28 1.57 1.54 -19.49
CA VAL B 28 0.79 2.77 -19.29
C VAL B 28 0.02 3.17 -20.56
N LYS B 29 0.72 3.24 -21.70
CA LYS B 29 0.10 3.53 -22.99
C LYS B 29 -0.98 2.50 -23.30
N GLN B 30 -0.67 1.24 -22.99
CA GLN B 30 -1.60 0.14 -23.18
C GLN B 30 -2.84 0.32 -22.29
N TYR B 31 -2.63 0.77 -21.06
CA TYR B 31 -3.73 0.99 -20.14
C TYR B 31 -4.66 2.08 -20.65
N PHE B 32 -4.10 3.22 -20.99
CA PHE B 32 -4.88 4.39 -21.43
C PHE B 32 -5.36 4.31 -22.88
N SER B 33 -4.98 3.26 -23.59
CA SER B 33 -5.49 3.06 -24.94
C SER B 33 -7.00 2.83 -24.89
N LYS B 34 -7.49 2.35 -23.75
CA LYS B 34 -8.89 1.95 -23.63
C LYS B 34 -9.62 2.68 -22.50
N SER B 35 -9.17 2.44 -21.27
CA SER B 35 -9.91 2.87 -20.08
C SER B 35 -9.98 4.40 -19.94
N LYS B 36 -11.03 4.84 -19.26
CA LYS B 36 -11.33 6.26 -19.10
C LYS B 36 -11.00 6.81 -17.72
N ALA B 37 -10.15 6.12 -16.97
CA ALA B 37 -9.77 6.58 -15.63
C ALA B 37 -9.21 8.00 -15.67
N GLU B 38 -9.58 8.82 -14.69
CA GLU B 38 -9.10 10.20 -14.63
C GLU B 38 -7.59 10.22 -14.45
N PHE B 39 -7.08 9.27 -13.68
CA PHE B 39 -5.64 9.13 -13.46
C PHE B 39 -5.33 7.81 -12.79
N ILE B 40 -4.07 7.41 -12.82
CA ILE B 40 -3.62 6.23 -12.08
C ILE B 40 -2.37 6.59 -11.26
N LEU B 41 -2.16 5.88 -10.16
CA LEU B 41 -0.91 5.96 -9.42
C LEU B 41 -0.14 4.67 -9.65
N ARG B 42 1.18 4.76 -9.67
CA ARG B 42 2.02 3.59 -9.93
C ARG B 42 3.40 3.78 -9.33
N TRP B 43 4.12 2.68 -9.13
CA TRP B 43 5.46 2.73 -8.60
C TRP B 43 6.41 3.25 -9.67
N SER B 44 7.23 4.23 -9.32
CA SER B 44 8.12 4.84 -10.30
C SER B 44 9.41 4.06 -10.48
N SER B 45 9.92 4.08 -11.71
CA SER B 45 11.20 3.48 -12.04
C SER B 45 12.36 4.04 -11.22
N ALA B 46 12.17 5.26 -10.72
CA ALA B 46 13.17 5.93 -9.91
C ALA B 46 13.59 5.12 -8.69
N ASN B 53 16.88 6.53 -1.64
CA ASN B 53 17.16 6.54 -0.22
C ASN B 53 16.35 7.60 0.46
N LYS B 54 16.59 8.83 0.04
CA LYS B 54 15.93 9.97 0.63
C LYS B 54 14.49 10.16 0.15
N TYR B 55 14.13 9.43 -0.90
CA TYR B 55 12.86 9.54 -1.59
C TYR B 55 12.28 8.19 -1.99
N VAL B 56 11.06 7.92 -1.56
CA VAL B 56 10.26 6.90 -2.23
C VAL B 56 9.49 7.59 -3.34
N PHE B 57 9.54 7.06 -4.55
CA PHE B 57 8.94 7.71 -5.71
C PHE B 57 7.62 7.07 -6.17
N ILE B 58 6.61 7.92 -6.35
CA ILE B 58 5.30 7.53 -6.82
C ILE B 58 4.95 8.33 -8.09
N ALA B 59 4.60 7.62 -9.16
CA ALA B 59 4.28 8.26 -10.44
C ALA B 59 2.76 8.33 -10.66
N ALA B 60 2.29 9.49 -11.08
CA ALA B 60 0.90 9.69 -11.46
C ALA B 60 0.81 9.81 -12.98
N SER B 61 -0.23 9.27 -13.58
CA SER B 61 -0.41 9.38 -15.04
C SER B 61 -1.86 9.61 -15.37
N PHE B 62 -2.10 10.47 -16.34
CA PHE B 62 -3.46 10.72 -16.80
C PHE B 62 -3.41 11.03 -18.30
N GLN B 63 -4.56 10.86 -18.95
CA GLN B 63 -4.65 11.19 -20.36
C GLN B 63 -5.43 12.48 -20.56
N ALA B 64 -4.83 13.39 -21.32
CA ALA B 64 -5.48 14.64 -21.65
C ALA B 64 -5.80 14.68 -23.13
N SER B 65 -6.12 15.87 -23.63
CA SER B 65 -6.45 16.05 -25.03
C SER B 65 -5.22 16.01 -25.94
N ASP B 66 -4.03 16.11 -25.36
CA ASP B 66 -2.79 16.11 -26.15
C ASP B 66 -1.93 14.85 -25.99
N GLY B 67 -2.23 14.03 -25.00
CA GLY B 67 -1.50 12.78 -24.82
C GLY B 67 -1.44 12.24 -23.41
N ILE B 68 -0.43 11.44 -23.12
CA ILE B 68 -0.21 10.87 -21.80
C ILE B 68 0.75 11.75 -20.99
N HIS B 69 0.26 12.28 -19.88
CA HIS B 69 1.08 13.13 -19.03
C HIS B 69 1.37 12.41 -17.72
N SER B 70 2.53 12.71 -17.15
CA SER B 70 2.91 12.13 -15.87
C SER B 70 3.35 13.18 -14.87
N ILE B 71 3.26 12.82 -13.60
CA ILE B 71 3.83 13.59 -12.50
C ILE B 71 4.57 12.60 -11.62
N ARG B 72 5.83 12.88 -11.28
CA ARG B 72 6.51 12.04 -10.31
C ARG B 72 6.33 12.70 -8.95
N TYR B 73 5.93 11.92 -7.95
CA TYR B 73 5.82 12.42 -6.59
C TYR B 73 6.86 11.72 -5.71
N GLY B 74 7.34 12.42 -4.69
CA GLY B 74 8.33 11.87 -3.80
C GLY B 74 7.88 11.91 -2.36
N ILE B 75 8.26 10.88 -1.60
CA ILE B 75 7.91 10.80 -0.18
C ILE B 75 9.13 10.37 0.62
N ASN B 76 9.58 11.25 1.52
CA ASN B 76 10.78 10.98 2.29
C ASN B 76 10.43 10.07 3.46
N LYS B 77 11.42 9.80 4.31
CA LYS B 77 11.18 8.98 5.50
C LYS B 77 10.25 9.67 6.52
N ASN B 78 10.00 10.98 6.38
CA ASN B 78 9.18 11.71 7.35
C ASN B 78 7.69 11.73 7.00
N GLY B 79 7.34 11.17 5.85
CA GLY B 79 5.96 11.11 5.40
C GLY B 79 5.51 12.38 4.70
N GLU B 80 6.47 13.14 4.17
CA GLU B 80 6.13 14.40 3.52
C GLU B 80 6.11 14.28 1.99
N LEU B 81 5.07 14.88 1.41
CA LEU B 81 4.74 14.73 0.00
C LEU B 81 5.45 15.78 -0.86
N PHE B 82 6.28 15.30 -1.78
CA PHE B 82 7.07 16.17 -2.64
C PHE B 82 6.79 15.90 -4.13
N SER B 83 6.36 16.93 -4.87
CA SER B 83 6.24 16.76 -6.32
C SER B 83 7.47 17.34 -7.01
N ILE B 84 8.02 16.56 -7.93
CA ILE B 84 9.33 16.75 -8.54
C ILE B 84 9.39 17.66 -9.77
N ASN B 85 10.51 17.65 -10.49
CA ASN B 85 10.63 18.56 -11.63
C ASN B 85 11.21 18.05 -12.94
N THR B 86 11.51 19.04 -13.78
CA THR B 86 12.06 18.91 -15.14
C THR B 86 13.18 17.88 -15.32
N VAL B 91 11.27 21.51 -6.99
CA VAL B 91 10.35 20.76 -6.14
C VAL B 91 9.33 21.75 -5.56
N THR B 92 8.21 21.23 -5.07
CA THR B 92 7.27 22.04 -4.29
C THR B 92 6.61 21.14 -3.24
N PRO B 93 6.56 21.61 -1.99
CA PRO B 93 5.95 20.81 -0.92
C PRO B 93 4.44 20.80 -1.08
N ILE B 94 3.83 19.67 -0.79
CA ILE B 94 2.38 19.58 -0.79
C ILE B 94 1.97 19.28 0.64
N ASP B 95 1.00 20.03 1.17
CA ASP B 95 0.46 19.70 2.48
C ASP B 95 -0.81 18.88 2.32
N ILE B 96 -0.97 17.93 3.22
CA ILE B 96 -2.11 17.03 3.19
C ILE B 96 -3.30 17.82 3.72
N LEU B 97 -4.30 17.97 2.86
CA LEU B 97 -5.53 18.67 3.22
C LEU B 97 -6.20 17.91 4.35
N PRO B 98 -7.35 18.41 4.82
CA PRO B 98 -8.25 17.50 5.52
C PRO B 98 -8.57 16.27 4.63
N LEU B 99 -9.10 15.22 5.18
CA LEU B 99 -9.62 14.18 4.34
C LEU B 99 -8.50 13.31 3.78
N GLY B 100 -7.26 13.74 3.95
CA GLY B 100 -6.08 12.90 3.73
C GLY B 100 -5.38 12.99 2.38
N VAL B 101 -4.39 12.11 2.21
CA VAL B 101 -3.52 12.08 1.03
C VAL B 101 -4.14 11.82 -0.35
N MET B 102 -5.02 10.84 -0.44
CA MET B 102 -5.65 10.58 -1.73
C MET B 102 -6.53 11.74 -2.13
N ALA B 103 -7.23 12.35 -1.18
CA ALA B 103 -8.00 13.56 -1.47
C ALA B 103 -7.09 14.69 -1.94
N THR B 104 -5.86 14.71 -1.42
CA THR B 104 -4.85 15.69 -1.81
C THR B 104 -4.33 15.41 -3.21
N LEU B 105 -3.77 14.22 -3.41
CA LEU B 105 -3.24 13.81 -4.70
C LEU B 105 -4.28 13.93 -5.80
N THR B 106 -5.52 13.55 -5.47
CA THR B 106 -6.63 13.62 -6.43
C THR B 106 -6.77 15.06 -6.90
N GLN B 107 -6.65 16.01 -5.97
CA GLN B 107 -6.79 17.40 -6.32
C GLN B 107 -5.60 17.91 -7.14
N HIS B 108 -4.39 17.54 -6.74
CA HIS B 108 -3.15 18.04 -7.36
C HIS B 108 -2.98 17.56 -8.80
N ILE B 109 -3.33 16.30 -9.02
CA ILE B 109 -3.29 15.70 -10.35
C ILE B 109 -4.42 16.19 -11.24
N THR B 110 -5.64 16.18 -10.71
CA THR B 110 -6.82 16.58 -11.47
C THR B 110 -6.91 18.07 -11.76
N GLN B 111 -6.24 18.86 -10.96
CA GLN B 111 -6.14 20.29 -11.25
C GLN B 111 -5.05 20.58 -12.28
N ASN B 112 -4.03 19.73 -12.31
CA ASN B 112 -2.97 19.88 -13.33
C ASN B 112 -3.53 19.52 -14.70
N LYS B 113 -4.38 18.49 -14.73
CA LYS B 113 -5.06 18.09 -15.95
C LYS B 113 -6.05 19.15 -16.43
N GLU B 114 -6.75 19.77 -15.49
CA GLU B 114 -7.82 20.73 -15.80
C GLU B 114 -7.14 22.03 -16.24
N LEU B 115 -5.92 22.24 -15.72
CA LEU B 115 -5.10 23.40 -16.08
C LEU B 115 -4.79 23.35 -17.58
N ILE B 116 -4.39 22.15 -18.00
CA ILE B 116 -3.98 21.82 -19.36
C ILE B 116 -5.13 21.93 -20.35
N GLU B 117 -6.26 21.30 -20.00
CA GLU B 117 -7.46 21.33 -20.83
C GLU B 117 -8.01 22.75 -21.00
N LYS B 118 -7.53 23.68 -20.16
CA LYS B 118 -7.83 25.10 -20.35
C LYS B 118 -6.67 25.84 -21.02
N ALA B 119 -5.44 25.36 -20.86
CA ALA B 119 -4.33 26.02 -21.52
C ALA B 119 -4.19 25.67 -22.98
N LEU B 120 -4.02 24.39 -23.32
CA LEU B 120 -4.21 23.94 -24.69
C LEU B 120 -5.70 23.93 -25.00
#